data_9GTY
#
_entry.id   9GTY
#
_cell.length_a   47.698
_cell.length_b   93.482
_cell.length_c   125.533
_cell.angle_alpha   90.00
_cell.angle_beta   90.00
_cell.angle_gamma   90.00
#
_symmetry.space_group_name_H-M   'P 21 21 21'
#
loop_
_entity.id
_entity.type
_entity.pdbx_description
1 polymer 'Receptor-interacting serine/threonine-protein kinase 1'
2 non-polymer (5R)-5-[(7-chloro-1H-indol-3-yl)methyl]-3-methylimidazolidine-2,4-dione
3 non-polymer 'DIMETHYL SULFOXIDE'
4 non-polymer 7-[4-[3-(methylsulfonylmethyl)azetidin-1-yl]sulfonylphenyl]quinoline
5 water water
#
_entity_poly.entity_id   1
_entity_poly.type   'polypeptide(L)'
_entity_poly.pdbx_seq_one_letter_code
;MGHHHHHHGGGENLYFQGSMQPDMSLNVIKMKSSDFLESAELDSGGFGKVSLAFHRTQGLMIMKTVYKGPNCIEHNEALL
EEAKMMNRLRHSRVVKLLGVIIEEGKYSLVMEYMEKGNLMHVLKAEMSTPLSVKGRIILEIIEGMAYLHGKGVIHKDLKP
ENILVDNDFHIKIADLGLASFKMWSKLNNEEHNELREVDGTAKKNGGTLYYMAPEHLNDVNAKPTEKSDVYSFAVVLWAI
FANKEPYENAIAEQQLIMAIKSGNRPDVDDITEYCPREIISLMKLCWEANPEARPTFPGIEEKFRPFYLSQLE
;
_entity_poly.pdbx_strand_id   A,B
#
# COMPACT_ATOMS: atom_id res chain seq x y z
N ASN A 27 1.16 -11.80 15.72
CA ASN A 27 0.38 -12.14 16.91
C ASN A 27 0.27 -10.97 17.92
N VAL A 28 -0.83 -10.97 18.70
CA VAL A 28 -1.06 -9.95 19.72
C VAL A 28 -0.34 -10.34 21.02
N ILE A 29 0.23 -9.35 21.69
CA ILE A 29 0.98 -9.59 22.93
C ILE A 29 0.10 -9.27 24.12
N LYS A 30 -0.03 -10.22 25.04
CA LYS A 30 -0.81 -9.98 26.25
C LYS A 30 0.15 -9.25 27.17
N MET A 31 -0.17 -8.01 27.50
CA MET A 31 0.67 -7.18 28.34
C MET A 31 0.12 -7.08 29.77
N LYS A 32 0.99 -6.81 30.73
CA LYS A 32 0.59 -6.64 32.11
C LYS A 32 0.85 -5.18 32.49
N SER A 33 -0.02 -4.58 33.32
CA SER A 33 0.19 -3.20 33.75
C SER A 33 1.48 -3.02 34.58
N SER A 34 2.09 -4.12 35.06
CA SER A 34 3.36 -4.08 35.78
C SER A 34 4.54 -3.81 34.81
N ASP A 35 4.38 -4.13 33.50
CA ASP A 35 5.35 -3.82 32.43
C ASP A 35 5.44 -2.31 32.13
N PHE A 36 4.63 -1.49 32.81
CA PHE A 36 4.60 -0.05 32.59
C PHE A 36 5.07 0.67 33.84
N LEU A 37 5.81 1.76 33.66
CA LEU A 37 6.35 2.51 34.79
C LEU A 37 5.39 3.57 35.32
N GLU A 38 4.63 4.22 34.42
CA GLU A 38 3.66 5.27 34.77
C GLU A 38 2.84 5.69 33.52
N SER A 39 1.69 6.36 33.75
CA SER A 39 0.83 6.82 32.66
C SER A 39 0.37 8.27 32.87
N ALA A 40 0.00 8.94 31.77
CA ALA A 40 -0.48 10.33 31.79
C ALA A 40 -1.57 10.48 30.73
N GLU A 41 -2.76 10.92 31.14
CA GLU A 41 -3.89 11.06 30.22
C GLU A 41 -3.70 12.21 29.24
N LEU A 42 -3.53 11.91 27.96
CA LEU A 42 -3.36 12.95 26.94
C LEU A 42 -4.66 13.72 26.71
N LYS A 49 -10.36 8.94 26.65
CA LYS A 49 -9.51 8.51 27.75
C LYS A 49 -8.19 7.84 27.28
N VAL A 50 -7.52 8.42 26.26
CA VAL A 50 -6.25 7.87 25.79
C VAL A 50 -5.10 8.33 26.71
N SER A 51 -3.96 7.61 26.70
CA SER A 51 -2.87 7.93 27.61
C SER A 51 -1.50 7.54 27.09
N LEU A 52 -0.47 8.36 27.37
CA LEU A 52 0.90 8.02 27.01
C LEU A 52 1.43 7.10 28.10
N ALA A 53 2.04 5.96 27.74
CA ALA A 53 2.54 5.02 28.72
C ALA A 53 3.97 4.62 28.39
N PHE A 54 4.77 4.41 29.43
CA PHE A 54 6.15 4.00 29.25
C PHE A 54 6.33 2.53 29.59
N HIS A 55 6.61 1.72 28.56
CA HIS A 55 6.87 0.30 28.76
C HIS A 55 8.33 0.14 29.22
N ARG A 56 8.59 -0.85 30.09
CA ARG A 56 9.96 -1.06 30.62
C ARG A 56 10.96 -1.62 29.59
N THR A 57 10.47 -2.09 28.44
CA THR A 57 11.33 -2.64 27.40
C THR A 57 11.13 -2.01 26.01
N GLN A 58 9.87 -1.98 25.52
CA GLN A 58 9.61 -1.47 24.18
C GLN A 58 9.46 0.06 24.09
N GLY A 59 9.68 0.78 25.19
CA GLY A 59 9.60 2.23 25.20
C GLY A 59 8.21 2.81 25.22
N LEU A 60 8.03 3.93 24.51
CA LEU A 60 6.77 4.66 24.48
C LEU A 60 5.70 4.01 23.64
N MET A 61 4.47 4.04 24.17
CA MET A 61 3.29 3.46 23.54
C MET A 61 2.05 4.27 23.96
N ILE A 62 0.95 4.13 23.22
CA ILE A 62 -0.30 4.76 23.60
C ILE A 62 -1.24 3.70 24.18
N MET A 63 -1.89 4.03 25.28
CA MET A 63 -2.77 3.12 25.96
C MET A 63 -4.17 3.70 26.07
N LYS A 64 -5.16 2.96 25.56
CA LYS A 64 -6.54 3.35 25.73
C LYS A 64 -7.17 2.41 26.75
N THR A 65 -7.50 2.93 27.93
CA THR A 65 -8.07 2.11 28.98
C THR A 65 -9.47 2.64 29.34
N HIS A 75 -17.74 -10.68 28.85
CA HIS A 75 -17.23 -10.61 27.46
C HIS A 75 -15.71 -10.88 27.39
N ASN A 76 -15.11 -11.39 28.46
CA ASN A 76 -13.67 -11.64 28.68
C ASN A 76 -12.98 -12.48 27.57
N GLU A 77 -13.72 -13.40 26.90
CA GLU A 77 -13.18 -14.32 25.88
C GLU A 77 -13.18 -13.77 24.44
N ALA A 78 -14.30 -13.20 23.97
CA ALA A 78 -14.38 -12.68 22.60
C ALA A 78 -13.63 -11.34 22.40
N LEU A 79 -13.29 -10.65 23.51
CA LEU A 79 -12.54 -9.39 23.56
C LEU A 79 -11.12 -9.63 23.04
N LEU A 80 -10.49 -10.75 23.43
CA LEU A 80 -9.13 -11.05 22.99
C LEU A 80 -9.11 -11.59 21.53
N GLU A 81 -10.23 -12.14 21.04
CA GLU A 81 -10.30 -12.56 19.64
C GLU A 81 -10.49 -11.34 18.74
N GLU A 82 -11.28 -10.35 19.20
CA GLU A 82 -11.39 -9.09 18.47
C GLU A 82 -10.05 -8.33 18.47
N ALA A 83 -9.23 -8.53 19.52
CA ALA A 83 -7.91 -7.92 19.59
C ALA A 83 -7.02 -8.59 18.53
N LYS A 84 -7.10 -9.93 18.42
CA LYS A 84 -6.33 -10.68 17.42
C LYS A 84 -6.69 -10.25 16.00
N MET A 85 -7.98 -10.01 15.75
CA MET A 85 -8.49 -9.56 14.47
C MET A 85 -7.94 -8.18 14.12
N MET A 86 -8.01 -7.25 15.08
CA MET A 86 -7.52 -5.88 14.85
C MET A 86 -5.98 -5.80 14.75
N ASN A 87 -5.28 -6.76 15.38
CA ASN A 87 -3.83 -6.90 15.32
C ASN A 87 -3.37 -7.30 13.89
N ARG A 88 -4.27 -7.85 13.06
CA ARG A 88 -3.95 -8.18 11.68
C ARG A 88 -3.86 -6.92 10.77
N LEU A 89 -4.36 -5.75 11.23
CA LEU A 89 -4.27 -4.53 10.46
C LEU A 89 -2.84 -4.04 10.57
N ARG A 90 -2.02 -4.40 9.58
CA ARG A 90 -0.59 -4.11 9.54
C ARG A 90 -0.22 -3.43 8.24
N HIS A 91 -0.07 -2.11 8.29
CA HIS A 91 0.27 -1.28 7.14
C HIS A 91 1.03 -0.04 7.64
N SER A 92 1.82 0.59 6.77
CA SER A 92 2.61 1.75 7.14
C SER A 92 1.78 3.00 7.47
N ARG A 93 0.54 3.09 7.01
CA ARG A 93 -0.32 4.24 7.28
C ARG A 93 -1.43 3.93 8.27
N VAL A 94 -1.28 2.91 9.10
CA VAL A 94 -2.31 2.47 10.03
C VAL A 94 -1.66 2.29 11.42
N VAL A 95 -2.26 2.87 12.47
CA VAL A 95 -1.72 2.72 13.83
C VAL A 95 -1.94 1.26 14.24
N LYS A 96 -0.87 0.55 14.51
CA LYS A 96 -0.92 -0.85 14.87
C LYS A 96 -1.34 -1.09 16.31
N LEU A 97 -2.15 -2.14 16.54
CA LEU A 97 -2.48 -2.53 17.90
C LEU A 97 -1.37 -3.51 18.29
N LEU A 98 -0.46 -3.06 19.15
CA LEU A 98 0.68 -3.87 19.56
C LEU A 98 0.33 -4.89 20.60
N GLY A 99 -0.64 -4.59 21.48
CA GLY A 99 -1.01 -5.53 22.52
C GLY A 99 -2.24 -5.17 23.32
N VAL A 100 -2.64 -6.05 24.22
CA VAL A 100 -3.82 -5.83 25.06
C VAL A 100 -3.51 -6.14 26.51
N ILE A 101 -4.16 -5.43 27.41
CA ILE A 101 -4.05 -5.70 28.83
C ILE A 101 -5.40 -6.24 29.26
N ILE A 102 -5.45 -7.52 29.65
CA ILE A 102 -6.70 -8.13 30.09
C ILE A 102 -6.50 -8.67 31.49
N GLU A 103 -6.61 -7.78 32.47
CA GLU A 103 -6.41 -8.14 33.88
C GLU A 103 -7.67 -7.90 34.72
N GLU A 104 -7.68 -8.40 35.96
CA GLU A 104 -8.79 -8.28 36.91
C GLU A 104 -9.10 -6.79 37.23
N GLY A 105 -9.94 -6.15 36.43
CA GLY A 105 -10.31 -4.76 36.65
C GLY A 105 -9.82 -3.82 35.57
N LYS A 106 -8.73 -4.20 34.87
CA LYS A 106 -8.17 -3.36 33.83
C LYS A 106 -8.22 -4.01 32.44
N TYR A 107 -8.78 -3.30 31.45
CA TYR A 107 -8.90 -3.75 30.06
C TYR A 107 -8.40 -2.62 29.15
N SER A 108 -7.21 -2.79 28.55
CA SER A 108 -6.63 -1.71 27.73
C SER A 108 -6.14 -2.16 26.39
N LEU A 109 -6.17 -1.25 25.43
CA LEU A 109 -5.63 -1.48 24.09
C LEU A 109 -4.32 -0.71 24.03
N VAL A 110 -3.24 -1.37 23.61
CA VAL A 110 -1.93 -0.74 23.53
C VAL A 110 -1.54 -0.57 22.07
N MET A 111 -1.27 0.68 21.64
CA MET A 111 -0.95 0.99 20.25
C MET A 111 0.43 1.65 20.07
N GLU A 112 0.87 1.79 18.80
CA GLU A 112 2.11 2.48 18.53
C GLU A 112 1.93 4.00 18.66
N TYR A 113 2.95 4.68 19.18
CA TYR A 113 2.93 6.11 19.46
C TYR A 113 3.43 6.97 18.28
N MET A 114 2.77 8.11 18.05
CA MET A 114 3.10 9.07 17.00
C MET A 114 3.39 10.37 17.70
N GLU A 115 4.67 10.66 17.91
CA GLU A 115 5.25 11.77 18.68
C GLU A 115 4.68 13.20 18.45
N LYS A 116 3.99 13.48 17.33
CA LYS A 116 3.45 14.83 17.11
C LYS A 116 1.95 15.02 17.43
N GLY A 117 1.21 13.95 17.69
CA GLY A 117 -0.22 14.09 17.98
C GLY A 117 -1.09 13.97 16.76
N ASN A 118 -2.30 14.55 16.78
CA ASN A 118 -3.21 14.45 15.64
C ASN A 118 -2.97 15.54 14.58
N LEU A 119 -3.54 15.35 13.38
CA LEU A 119 -3.43 16.23 12.22
C LEU A 119 -3.84 17.67 12.50
N MET A 120 -4.99 17.90 13.15
CA MET A 120 -5.47 19.26 13.48
C MET A 120 -4.52 20.01 14.40
N HIS A 121 -3.97 19.33 15.39
CA HIS A 121 -3.01 19.94 16.31
C HIS A 121 -1.73 20.33 15.58
N VAL A 122 -1.31 19.51 14.61
CA VAL A 122 -0.12 19.79 13.82
C VAL A 122 -0.38 20.98 12.89
N LEU A 123 -1.53 20.99 12.20
CA LEU A 123 -1.94 22.05 11.28
C LEU A 123 -2.05 23.40 11.97
N LYS A 124 -2.58 23.44 13.19
CA LYS A 124 -2.70 24.70 13.94
C LYS A 124 -1.39 25.15 14.57
N ALA A 125 -0.47 24.22 14.87
CA ALA A 125 0.81 24.58 15.47
C ALA A 125 1.70 25.26 14.43
N GLU A 126 1.74 26.59 14.36
CA GLU A 126 2.53 27.29 13.32
C GLU A 126 2.17 26.77 11.89
N MET A 127 1.35 27.52 11.14
CA MET A 127 0.92 27.10 9.82
C MET A 127 1.98 27.38 8.75
N SER A 128 3.11 26.68 8.87
CA SER A 128 4.22 26.74 7.94
C SER A 128 4.07 25.63 6.89
N THR A 129 3.50 24.46 7.29
CA THR A 129 3.27 23.23 6.50
C THR A 129 3.14 23.49 5.00
N PRO A 130 4.21 23.22 4.25
CA PRO A 130 4.16 23.49 2.81
C PRO A 130 3.23 22.57 2.05
N LEU A 131 2.75 23.06 0.91
CA LEU A 131 1.86 22.39 -0.02
C LEU A 131 2.33 20.97 -0.37
N SER A 132 3.64 20.75 -0.60
CA SER A 132 4.15 19.42 -0.94
C SER A 132 4.01 18.43 0.22
N VAL A 133 4.14 18.91 1.46
CA VAL A 133 3.95 18.09 2.65
C VAL A 133 2.45 17.77 2.80
N LYS A 134 1.58 18.74 2.55
CA LYS A 134 0.14 18.52 2.61
C LYS A 134 -0.30 17.48 1.59
N GLY A 135 0.21 17.58 0.37
CA GLY A 135 -0.09 16.62 -0.68
C GLY A 135 0.36 15.21 -0.34
N ARG A 136 1.51 15.10 0.35
CA ARG A 136 2.04 13.82 0.77
C ARG A 136 1.13 13.21 1.83
N ILE A 137 0.66 14.03 2.79
CA ILE A 137 -0.28 13.58 3.84
C ILE A 137 -1.59 13.09 3.22
N ILE A 138 -2.12 13.81 2.19
CA ILE A 138 -3.33 13.38 1.50
C ILE A 138 -3.14 12.00 0.87
N LEU A 139 -2.01 11.80 0.19
CA LEU A 139 -1.68 10.54 -0.44
C LEU A 139 -1.55 9.40 0.60
N GLU A 140 -0.93 9.67 1.74
CA GLU A 140 -0.80 8.66 2.80
C GLU A 140 -2.16 8.28 3.41
N ILE A 141 -3.09 9.24 3.52
CA ILE A 141 -4.43 8.97 4.05
C ILE A 141 -5.18 8.05 3.06
N ILE A 142 -5.09 8.37 1.76
CA ILE A 142 -5.72 7.56 0.73
C ILE A 142 -5.21 6.10 0.78
N GLU A 143 -3.89 5.93 0.90
CA GLU A 143 -3.27 4.60 0.98
C GLU A 143 -3.75 3.82 2.23
N GLY A 144 -3.83 4.48 3.38
CA GLY A 144 -4.28 3.83 4.59
C GLY A 144 -5.75 3.42 4.48
N MET A 145 -6.60 4.31 3.93
CA MET A 145 -8.01 4.00 3.76
C MET A 145 -8.24 2.89 2.75
N ALA A 146 -7.44 2.82 1.66
CA ALA A 146 -7.59 1.74 0.67
C ALA A 146 -7.16 0.40 1.30
N TYR A 147 -6.12 0.41 2.17
CA TYR A 147 -5.69 -0.79 2.87
C TYR A 147 -6.82 -1.30 3.78
N LEU A 148 -7.41 -0.42 4.58
CA LEU A 148 -8.45 -0.76 5.53
C LEU A 148 -9.65 -1.31 4.85
N HIS A 149 -10.06 -0.72 3.71
CA HIS A 149 -11.22 -1.25 2.98
C HIS A 149 -10.94 -2.59 2.32
N GLY A 150 -9.67 -2.84 1.96
CA GLY A 150 -9.25 -4.13 1.41
C GLY A 150 -9.31 -5.22 2.48
N LYS A 151 -9.12 -4.87 3.75
CA LYS A 151 -9.24 -5.83 4.85
C LYS A 151 -10.71 -5.97 5.36
N GLY A 152 -11.67 -5.38 4.64
CA GLY A 152 -13.09 -5.41 5.03
C GLY A 152 -13.45 -4.47 6.15
N VAL A 153 -12.61 -3.46 6.45
CA VAL A 153 -12.87 -2.53 7.53
C VAL A 153 -13.36 -1.15 7.07
N ILE A 154 -14.61 -0.81 7.42
CA ILE A 154 -15.16 0.53 7.18
C ILE A 154 -14.78 1.29 8.46
N HIS A 155 -14.09 2.43 8.34
CA HIS A 155 -13.69 3.20 9.52
C HIS A 155 -14.91 3.74 10.29
N LYS A 156 -15.77 4.53 9.63
CA LYS A 156 -16.99 5.15 10.18
C LYS A 156 -16.71 6.45 10.95
N ASP A 157 -15.48 6.66 11.43
CA ASP A 157 -15.15 7.84 12.21
C ASP A 157 -13.87 8.53 11.71
N LEU A 158 -13.66 8.61 10.38
CA LEU A 158 -12.46 9.26 9.85
C LEU A 158 -12.53 10.77 10.05
N LYS A 159 -11.52 11.35 10.70
CA LYS A 159 -11.46 12.78 11.00
C LYS A 159 -10.02 13.17 11.36
N PRO A 160 -9.62 14.46 11.41
CA PRO A 160 -8.22 14.79 11.74
C PRO A 160 -7.75 14.29 13.10
N GLU A 161 -8.67 14.17 14.06
CA GLU A 161 -8.37 13.63 15.38
C GLU A 161 -7.91 12.15 15.32
N ASN A 162 -8.35 11.42 14.29
CA ASN A 162 -7.94 10.04 14.05
C ASN A 162 -6.80 9.91 13.01
N ILE A 163 -6.13 11.01 12.68
CA ILE A 163 -4.99 10.98 11.75
C ILE A 163 -3.81 11.43 12.57
N LEU A 164 -2.96 10.49 12.95
CA LEU A 164 -1.84 10.79 13.85
C LEU A 164 -0.55 11.04 13.08
N VAL A 165 0.34 11.89 13.64
CA VAL A 165 1.52 12.37 12.93
C VAL A 165 2.83 12.08 13.67
N ASP A 166 3.88 11.67 12.94
CA ASP A 166 5.19 11.45 13.54
C ASP A 166 6.10 12.69 13.37
N ASN A 167 7.37 12.60 13.80
CA ASN A 167 8.30 13.72 13.71
C ASN A 167 8.69 14.13 12.31
N ASP A 168 8.59 13.21 11.34
CA ASP A 168 8.89 13.51 9.94
C ASP A 168 7.64 13.93 9.14
N PHE A 169 6.50 14.16 9.82
CA PHE A 169 5.21 14.54 9.24
C PHE A 169 4.57 13.41 8.41
N HIS A 170 4.90 12.16 8.73
CA HIS A 170 4.24 10.99 8.14
C HIS A 170 3.03 10.66 9.00
N ILE A 171 1.94 10.19 8.38
CA ILE A 171 0.74 9.94 9.14
C ILE A 171 0.33 8.47 9.21
N LYS A 172 -0.48 8.14 10.20
CA LYS A 172 -1.10 6.84 10.36
C LYS A 172 -2.54 7.10 10.78
N ILE A 173 -3.47 6.32 10.24
CA ILE A 173 -4.87 6.38 10.59
C ILE A 173 -5.07 5.57 11.85
N ALA A 174 -5.82 6.10 12.80
CA ALA A 174 -6.15 5.46 14.07
C ALA A 174 -7.70 5.38 14.23
N ASP A 175 -8.21 4.66 15.24
CA ASP A 175 -9.64 4.59 15.51
C ASP A 175 -9.78 4.69 17.04
N LEU A 176 -9.38 5.86 17.59
CA LEU A 176 -9.35 6.13 19.02
C LEU A 176 -10.71 6.05 19.72
N GLY A 177 -11.82 6.27 19.00
CA GLY A 177 -13.15 6.13 19.59
C GLY A 177 -13.74 4.73 19.45
N LEU A 178 -12.98 3.78 18.84
CA LEU A 178 -13.38 2.38 18.66
C LEU A 178 -14.65 2.21 17.80
N ALA A 179 -14.86 3.10 16.81
CA ALA A 179 -15.97 3.05 15.86
C ALA A 179 -16.01 1.74 15.07
N SER A 180 -14.84 1.15 14.76
CA SER A 180 -14.76 -0.10 14.00
C SER A 180 -14.83 -1.36 14.90
N PHE A 181 -14.90 -1.20 16.23
CA PHE A 181 -14.97 -2.31 17.19
C PHE A 181 -16.43 -2.59 17.58
N LYS A 182 -16.69 -3.81 18.05
CA LYS A 182 -18.03 -4.27 18.45
C LYS A 182 -18.05 -4.74 19.90
N MET A 183 -17.05 -5.49 20.35
CA MET A 183 -16.99 -5.98 21.73
C MET A 183 -16.28 -4.96 22.65
N TRP A 184 -15.14 -4.41 22.20
CA TRP A 184 -14.35 -3.45 22.97
C TRP A 184 -15.07 -2.11 23.11
N SER A 185 -15.84 -1.71 22.09
CA SER A 185 -16.58 -0.46 22.15
C SER A 185 -17.81 -0.56 23.10
N LYS A 186 -18.31 -1.77 23.37
CA LYS A 186 -19.44 -1.98 24.27
C LYS A 186 -19.05 -1.73 25.73
N LEU A 187 -17.77 -1.95 26.09
CA LEU A 187 -17.30 -1.74 27.46
C LEU A 187 -16.88 -0.28 27.69
N GLY A 207 -19.03 18.95 17.24
CA GLY A 207 -17.83 18.93 16.40
C GLY A 207 -17.48 17.54 15.82
N THR A 208 -18.08 16.48 16.36
CA THR A 208 -17.82 15.12 15.87
C THR A 208 -18.59 14.80 14.58
N LEU A 209 -19.70 15.55 14.30
CA LEU A 209 -20.54 15.32 13.13
C LEU A 209 -20.12 16.10 11.88
N TYR A 210 -19.02 16.89 11.94
CA TYR A 210 -18.55 17.65 10.80
C TYR A 210 -18.13 16.76 9.63
N TYR A 211 -17.63 15.56 9.95
CA TYR A 211 -17.08 14.60 8.99
C TYR A 211 -18.04 13.46 8.64
N MET A 212 -19.30 13.54 9.08
CA MET A 212 -20.29 12.51 8.84
C MET A 212 -21.09 12.72 7.59
N ALA A 213 -21.17 11.67 6.76
CA ALA A 213 -21.93 11.66 5.53
C ALA A 213 -23.41 11.99 5.80
N PRO A 214 -24.02 12.83 4.95
CA PRO A 214 -25.40 13.26 5.21
C PRO A 214 -26.40 12.12 5.35
N GLU A 215 -26.16 10.98 4.68
CA GLU A 215 -27.05 9.83 4.79
C GLU A 215 -27.10 9.30 6.22
N HIS A 216 -26.05 9.50 7.05
CA HIS A 216 -26.08 9.04 8.44
C HIS A 216 -26.58 10.09 9.45
N LEU A 217 -26.66 11.38 9.03
CA LEU A 217 -27.14 12.45 9.91
C LEU A 217 -28.64 12.29 10.10
N ASN A 218 -29.10 12.27 11.35
CA ASN A 218 -30.53 12.09 11.66
C ASN A 218 -31.11 10.76 11.11
N ASP A 219 -30.26 9.80 10.72
CA ASP A 219 -30.67 8.50 10.23
C ASP A 219 -29.72 7.42 10.70
N VAL A 220 -30.06 6.80 11.85
CA VAL A 220 -29.25 5.71 12.41
C VAL A 220 -29.54 4.34 11.75
N ASN A 221 -30.61 4.26 10.94
CA ASN A 221 -30.99 3.05 10.21
C ASN A 221 -30.02 2.75 9.05
N ALA A 222 -29.43 3.82 8.46
CA ALA A 222 -28.50 3.75 7.35
C ALA A 222 -27.24 2.95 7.67
N LYS A 223 -27.03 1.85 6.92
CA LYS A 223 -25.84 1.04 7.08
C LYS A 223 -24.65 1.83 6.56
N PRO A 224 -23.57 1.93 7.34
CA PRO A 224 -22.38 2.64 6.86
C PRO A 224 -21.72 1.84 5.72
N THR A 225 -21.24 2.54 4.70
CA THR A 225 -20.63 1.92 3.53
C THR A 225 -19.19 2.46 3.30
N GLU A 226 -18.46 1.91 2.32
CA GLU A 226 -17.15 2.40 1.95
C GLU A 226 -17.22 3.89 1.51
N LYS A 227 -18.37 4.32 0.92
CA LYS A 227 -18.60 5.69 0.50
C LYS A 227 -18.79 6.69 1.64
N SER A 228 -19.15 6.19 2.85
CA SER A 228 -19.25 7.02 4.04
C SER A 228 -17.85 7.54 4.41
N ASP A 229 -16.79 6.72 4.22
CA ASP A 229 -15.42 7.12 4.53
C ASP A 229 -14.91 8.12 3.49
N VAL A 230 -15.40 8.04 2.23
CA VAL A 230 -14.99 8.95 1.17
C VAL A 230 -15.46 10.36 1.47
N TYR A 231 -16.68 10.50 2.01
CA TYR A 231 -17.25 11.78 2.41
C TYR A 231 -16.42 12.35 3.56
N SER A 232 -16.07 11.53 4.57
CA SER A 232 -15.26 12.00 5.69
C SER A 232 -13.91 12.53 5.19
N PHE A 233 -13.29 11.81 4.25
CA PHE A 233 -12.03 12.19 3.64
C PHE A 233 -12.14 13.55 2.94
N ALA A 234 -13.28 13.81 2.25
CA ALA A 234 -13.52 15.09 1.56
C ALA A 234 -13.46 16.25 2.54
N VAL A 235 -14.06 16.09 3.73
CA VAL A 235 -14.04 17.15 4.74
C VAL A 235 -12.65 17.28 5.37
N VAL A 236 -11.90 16.16 5.49
CA VAL A 236 -10.52 16.15 5.97
C VAL A 236 -9.62 16.93 5.00
N LEU A 237 -9.83 16.75 3.68
CA LEU A 237 -9.13 17.46 2.61
C LEU A 237 -9.33 18.97 2.79
N TRP A 238 -10.57 19.41 3.09
CA TRP A 238 -10.84 20.83 3.28
C TRP A 238 -10.11 21.34 4.52
N ALA A 239 -10.14 20.55 5.63
CA ALA A 239 -9.51 20.96 6.89
C ALA A 239 -7.98 21.06 6.76
N ILE A 240 -7.37 20.19 5.95
CA ILE A 240 -5.92 20.22 5.73
C ILE A 240 -5.51 21.54 5.10
N PHE A 241 -6.33 22.08 4.18
CA PHE A 241 -5.99 23.35 3.52
C PHE A 241 -6.45 24.56 4.29
N ALA A 242 -7.54 24.46 5.06
CA ALA A 242 -8.02 25.59 5.83
C ALA A 242 -7.31 25.74 7.18
N ASN A 243 -6.60 24.71 7.64
CA ASN A 243 -5.89 24.71 8.91
C ASN A 243 -6.85 24.94 10.09
N LYS A 244 -8.07 24.39 9.98
CA LYS A 244 -9.10 24.52 11.01
C LYS A 244 -10.33 23.63 10.69
N GLU A 245 -11.17 23.39 11.71
CA GLU A 245 -12.41 22.63 11.63
C GLU A 245 -13.43 23.42 10.77
N PRO A 246 -14.29 22.72 10.03
CA PRO A 246 -15.31 23.43 9.23
C PRO A 246 -16.48 23.92 10.07
N TYR A 247 -17.31 24.76 9.46
CA TYR A 247 -18.57 25.29 9.99
C TYR A 247 -18.45 26.18 11.22
N GLU A 248 -17.48 27.10 11.22
CA GLU A 248 -17.34 28.02 12.37
C GLU A 248 -18.55 28.94 12.59
N ASN A 249 -19.32 29.25 11.54
CA ASN A 249 -20.50 30.09 11.69
C ASN A 249 -21.73 29.34 12.16
N ALA A 250 -21.76 28.01 12.14
CA ALA A 250 -22.93 27.24 12.61
C ALA A 250 -23.27 27.60 14.04
N ILE A 251 -24.56 27.79 14.33
CA ILE A 251 -25.07 28.22 15.63
C ILE A 251 -25.62 27.06 16.46
N ALA A 252 -26.26 26.09 15.82
CA ALA A 252 -26.89 24.99 16.55
C ALA A 252 -26.71 23.65 15.85
N GLU A 253 -26.71 22.56 16.64
CA GLU A 253 -26.52 21.21 16.12
C GLU A 253 -27.64 20.86 15.14
N GLN A 254 -28.90 21.12 15.51
CA GLN A 254 -30.04 20.84 14.63
C GLN A 254 -29.97 21.61 13.32
N GLN A 255 -29.66 22.94 13.35
CA GLN A 255 -29.54 23.70 12.12
C GLN A 255 -28.39 23.22 11.24
N LEU A 256 -27.26 22.84 11.85
CA LEU A 256 -26.11 22.35 11.07
C LEU A 256 -26.45 21.03 10.37
N ILE A 257 -27.08 20.09 11.08
CA ILE A 257 -27.51 18.82 10.51
C ILE A 257 -28.45 19.04 9.30
N MET A 258 -29.49 19.86 9.47
CA MET A 258 -30.43 20.12 8.40
C MET A 258 -29.79 20.86 7.23
N ALA A 259 -28.85 21.78 7.50
CA ALA A 259 -28.15 22.49 6.43
C ALA A 259 -27.32 21.51 5.60
N ILE A 260 -26.54 20.62 6.26
CA ILE A 260 -25.72 19.61 5.59
C ILE A 260 -26.55 18.64 4.78
N LYS A 261 -27.62 18.12 5.37
CA LYS A 261 -28.53 17.22 4.66
C LYS A 261 -29.17 17.89 3.43
N SER A 262 -29.33 19.24 3.46
CA SER A 262 -29.90 19.96 2.32
C SER A 262 -28.86 20.42 1.27
N GLY A 263 -27.62 20.04 1.42
CA GLY A 263 -26.59 20.40 0.45
C GLY A 263 -25.43 21.25 0.93
N ASN A 264 -25.52 21.86 2.14
CA ASN A 264 -24.44 22.70 2.64
C ASN A 264 -23.15 21.89 2.89
N ARG A 265 -22.05 22.50 2.52
CA ARG A 265 -20.72 21.91 2.66
C ARG A 265 -19.76 22.95 3.23
N PRO A 266 -18.56 22.55 3.70
CA PRO A 266 -17.59 23.54 4.15
C PRO A 266 -17.32 24.60 3.07
N ASP A 267 -17.11 25.83 3.51
CA ASP A 267 -16.88 27.00 2.66
C ASP A 267 -15.57 26.89 1.89
N VAL A 268 -15.66 26.65 0.57
CA VAL A 268 -14.49 26.55 -0.30
C VAL A 268 -13.78 27.91 -0.44
N ASP A 269 -14.54 29.01 -0.35
CA ASP A 269 -13.99 30.35 -0.37
C ASP A 269 -13.27 30.74 0.95
N ASP A 270 -13.44 29.95 2.02
CA ASP A 270 -12.81 30.19 3.32
C ASP A 270 -11.40 29.56 3.45
N ILE A 271 -10.75 29.28 2.32
CA ILE A 271 -9.39 28.79 2.31
C ILE A 271 -8.43 29.94 1.89
N THR A 272 -7.90 30.69 2.87
CA THR A 272 -6.98 31.82 2.59
C THR A 272 -5.67 31.34 1.99
N GLU A 273 -5.15 30.23 2.52
CA GLU A 273 -3.93 29.60 2.02
C GLU A 273 -4.27 28.99 0.66
N TYR A 274 -3.39 29.14 -0.32
CA TYR A 274 -3.61 28.59 -1.66
C TYR A 274 -3.95 27.08 -1.66
N CYS A 275 -4.95 26.70 -2.44
CA CYS A 275 -5.31 25.31 -2.64
C CYS A 275 -5.56 25.12 -4.12
N PRO A 276 -4.79 24.22 -4.77
CA PRO A 276 -4.97 24.01 -6.22
C PRO A 276 -6.41 23.75 -6.65
N ARG A 277 -6.80 24.27 -7.84
CA ARG A 277 -8.16 24.07 -8.35
C ARG A 277 -8.52 22.60 -8.47
N GLU A 278 -7.54 21.73 -8.74
CA GLU A 278 -7.78 20.30 -8.87
C GLU A 278 -8.15 19.62 -7.56
N ILE A 279 -7.59 20.09 -6.43
CA ILE A 279 -7.90 19.54 -5.11
C ILE A 279 -9.28 19.99 -4.64
N ILE A 280 -9.70 21.22 -5.00
CA ILE A 280 -11.03 21.73 -4.67
C ILE A 280 -12.08 20.93 -5.46
N SER A 281 -11.80 20.61 -6.73
CA SER A 281 -12.71 19.79 -7.53
C SER A 281 -12.83 18.37 -6.98
N LEU A 282 -11.72 17.84 -6.41
CA LEU A 282 -11.69 16.53 -5.84
C LEU A 282 -12.55 16.49 -4.57
N MET A 283 -12.39 17.50 -3.66
CA MET A 283 -13.21 17.50 -2.46
C MET A 283 -14.68 17.69 -2.78
N LYS A 284 -15.02 18.46 -3.81
CA LYS A 284 -16.42 18.65 -4.21
C LYS A 284 -17.01 17.33 -4.76
N LEU A 285 -16.20 16.51 -5.42
CA LEU A 285 -16.65 15.22 -5.93
C LEU A 285 -16.82 14.19 -4.78
N CYS A 286 -15.89 14.21 -3.83
CA CYS A 286 -15.92 13.30 -2.69
C CYS A 286 -17.01 13.61 -1.69
N TRP A 287 -17.49 14.86 -1.60
CA TRP A 287 -18.56 15.17 -0.66
C TRP A 287 -19.92 15.30 -1.36
N GLU A 288 -20.11 14.62 -2.49
CA GLU A 288 -21.38 14.58 -3.21
C GLU A 288 -22.45 13.95 -2.33
N ALA A 289 -23.68 14.48 -2.36
CA ALA A 289 -24.79 13.95 -1.56
C ALA A 289 -25.12 12.48 -1.87
N ASN A 290 -25.01 12.08 -3.15
CA ASN A 290 -25.28 10.71 -3.58
C ASN A 290 -24.03 9.90 -3.33
N PRO A 291 -24.08 8.89 -2.46
CA PRO A 291 -22.87 8.07 -2.21
C PRO A 291 -22.31 7.43 -3.49
N GLU A 292 -23.21 7.06 -4.40
CA GLU A 292 -22.87 6.46 -5.69
C GLU A 292 -22.11 7.42 -6.60
N ALA A 293 -22.27 8.73 -6.45
CA ALA A 293 -21.52 9.72 -7.24
C ALA A 293 -20.10 9.93 -6.69
N ARG A 294 -19.80 9.49 -5.46
CA ARG A 294 -18.47 9.64 -4.89
C ARG A 294 -17.55 8.58 -5.50
N PRO A 295 -16.26 8.90 -5.72
CA PRO A 295 -15.35 7.89 -6.24
C PRO A 295 -14.85 6.99 -5.10
N THR A 296 -14.17 5.89 -5.44
CA THR A 296 -13.58 5.02 -4.43
C THR A 296 -12.16 5.54 -4.10
N PHE A 297 -11.51 5.05 -3.03
CA PHE A 297 -10.14 5.46 -2.69
C PHE A 297 -9.11 5.10 -3.78
N PRO A 298 -9.15 3.92 -4.45
CA PRO A 298 -8.23 3.69 -5.59
C PRO A 298 -8.52 4.60 -6.79
N GLY A 299 -9.77 5.03 -6.94
CA GLY A 299 -10.13 5.97 -7.99
C GLY A 299 -9.63 7.37 -7.67
N ILE A 300 -9.60 7.73 -6.38
CA ILE A 300 -9.07 9.02 -5.92
C ILE A 300 -7.57 8.99 -6.11
N GLU A 301 -6.90 7.89 -5.71
CA GLU A 301 -5.47 7.71 -5.86
C GLU A 301 -5.04 7.74 -7.32
N GLU A 302 -5.84 7.16 -8.23
CA GLU A 302 -5.48 7.17 -9.65
C GLU A 302 -5.47 8.57 -10.26
N LYS A 303 -6.16 9.54 -9.65
CA LYS A 303 -6.14 10.91 -10.17
C LYS A 303 -5.21 11.80 -9.34
N PHE A 304 -5.18 11.60 -8.01
CA PHE A 304 -4.34 12.37 -7.10
C PHE A 304 -2.85 12.04 -7.22
N ARG A 305 -2.48 10.75 -7.26
CA ARG A 305 -1.06 10.37 -7.34
C ARG A 305 -0.33 11.01 -8.52
N PRO A 306 -0.84 10.98 -9.78
CA PRO A 306 -0.12 11.65 -10.88
C PRO A 306 -0.07 13.17 -10.74
N PHE A 307 -1.06 13.77 -10.08
CA PHE A 307 -1.08 15.21 -9.84
C PHE A 307 0.03 15.54 -8.84
N TYR A 308 0.12 14.77 -7.76
CA TYR A 308 1.15 14.93 -6.74
C TYR A 308 2.58 14.81 -7.30
N LEU A 309 2.86 13.80 -8.12
CA LEU A 309 4.20 13.59 -8.66
C LEU A 309 4.62 14.63 -9.68
N SER A 310 3.67 15.24 -10.40
CA SER A 310 4.03 16.21 -11.44
C SER A 310 3.83 17.68 -11.04
N GLN A 311 3.19 17.94 -9.89
CA GLN A 311 2.97 19.32 -9.44
C GLN A 311 3.47 19.59 -8.03
N LEU A 312 3.61 18.55 -7.19
CA LEU A 312 4.01 18.71 -5.79
C LEU A 312 5.26 17.89 -5.39
N GLU A 313 5.78 17.03 -6.27
CA GLU A 313 6.95 16.16 -6.06
C GLU A 313 6.67 14.99 -5.11
N ASN B 27 -14.02 -2.61 -13.42
CA ASN B 27 -14.37 -3.62 -14.42
C ASN B 27 -13.37 -3.69 -15.58
N VAL B 28 -13.25 -4.87 -16.21
CA VAL B 28 -12.33 -5.06 -17.33
C VAL B 28 -12.98 -4.57 -18.63
N ILE B 29 -12.20 -3.93 -19.49
CA ILE B 29 -12.70 -3.39 -20.74
C ILE B 29 -12.39 -4.35 -21.87
N LYS B 30 -13.42 -4.75 -22.62
CA LYS B 30 -13.20 -5.61 -23.77
C LYS B 30 -12.79 -4.65 -24.87
N MET B 31 -11.56 -4.79 -25.34
CA MET B 31 -11.02 -3.90 -26.37
C MET B 31 -10.99 -4.58 -27.74
N LYS B 32 -11.01 -3.76 -28.79
CA LYS B 32 -10.94 -4.26 -30.16
C LYS B 32 -9.62 -3.81 -30.76
N SER B 33 -8.97 -4.65 -31.58
CA SER B 33 -7.71 -4.26 -32.21
C SER B 33 -7.86 -3.07 -33.18
N SER B 34 -9.11 -2.72 -33.56
CA SER B 34 -9.39 -1.58 -34.42
C SER B 34 -9.18 -0.24 -33.68
N ASP B 35 -9.18 -0.23 -32.33
CA ASP B 35 -8.94 0.98 -31.57
C ASP B 35 -7.47 1.15 -31.11
N PHE B 36 -6.55 0.40 -31.71
CA PHE B 36 -5.13 0.49 -31.40
C PHE B 36 -4.41 0.97 -32.65
N LEU B 37 -3.66 2.07 -32.50
CA LEU B 37 -3.07 2.74 -33.65
C LEU B 37 -1.61 2.48 -33.89
N GLU B 38 -0.86 2.21 -32.83
CA GLU B 38 0.56 1.95 -32.96
C GLU B 38 0.83 0.44 -33.07
N SER B 39 2.03 0.06 -33.53
CA SER B 39 2.39 -1.35 -33.62
C SER B 39 3.89 -1.58 -33.27
N ALA B 40 4.51 -0.67 -32.47
CA ALA B 40 5.93 -0.74 -32.11
C ALA B 40 6.25 -2.02 -31.36
N GLU B 41 7.36 -2.68 -31.74
CA GLU B 41 7.75 -3.94 -31.12
C GLU B 41 8.89 -3.78 -30.11
N LEU B 42 8.67 -4.19 -28.86
CA LEU B 42 9.71 -4.11 -27.82
C LEU B 42 9.97 -5.48 -27.20
N ASP B 43 11.18 -5.70 -26.67
CA ASP B 43 11.49 -6.95 -25.96
C ASP B 43 11.05 -6.77 -24.52
N SER B 44 10.38 -7.79 -23.96
CA SER B 44 9.87 -7.71 -22.60
C SER B 44 10.83 -8.22 -21.51
N GLY B 45 12.04 -8.60 -21.88
CA GLY B 45 13.02 -9.10 -20.94
C GLY B 45 13.01 -10.62 -20.84
N GLY B 46 12.91 -11.28 -21.97
CA GLY B 46 12.89 -12.73 -22.05
C GLY B 46 11.53 -13.38 -22.11
N PHE B 47 10.45 -12.60 -21.97
CA PHE B 47 9.08 -13.14 -22.00
C PHE B 47 8.40 -13.08 -23.37
N GLY B 48 9.09 -12.58 -24.38
CA GLY B 48 8.52 -12.46 -25.71
C GLY B 48 8.38 -11.03 -26.19
N LYS B 49 8.09 -10.85 -27.48
CA LYS B 49 7.93 -9.52 -28.04
C LYS B 49 6.56 -8.94 -27.70
N VAL B 50 6.53 -7.80 -27.02
CA VAL B 50 5.27 -7.13 -26.71
C VAL B 50 5.01 -5.98 -27.72
N SER B 51 3.78 -5.44 -27.73
CA SER B 51 3.45 -4.34 -28.63
C SER B 51 3.08 -3.07 -27.86
N LEU B 52 3.80 -1.98 -28.15
CA LEU B 52 3.50 -0.70 -27.55
C LEU B 52 2.44 -0.06 -28.44
N ALA B 53 1.17 -0.02 -27.99
CA ALA B 53 0.11 0.51 -28.83
C ALA B 53 -0.67 1.68 -28.22
N PHE B 54 -1.18 2.54 -29.10
CA PHE B 54 -1.97 3.69 -28.71
C PHE B 54 -3.44 3.33 -28.72
N HIS B 55 -4.11 3.39 -27.57
CA HIS B 55 -5.56 3.20 -27.54
C HIS B 55 -6.17 4.54 -27.99
N ARG B 56 -7.17 4.49 -28.89
CA ARG B 56 -7.82 5.68 -29.47
C ARG B 56 -8.38 6.68 -28.44
N THR B 57 -8.61 6.26 -27.19
CA THR B 57 -9.12 7.18 -26.18
C THR B 57 -8.13 7.31 -25.00
N GLN B 58 -7.52 6.19 -24.56
CA GLN B 58 -6.57 6.29 -23.44
C GLN B 58 -5.17 6.78 -23.90
N GLY B 59 -4.35 5.94 -24.49
CA GLY B 59 -3.02 6.35 -24.93
C GLY B 59 -2.05 5.20 -24.93
N LEU B 60 -0.76 5.45 -24.62
CA LEU B 60 0.23 4.37 -24.60
C LEU B 60 -0.12 3.25 -23.66
N MET B 61 -0.01 2.02 -24.14
CA MET B 61 -0.31 0.80 -23.41
C MET B 61 0.58 -0.34 -23.88
N ILE B 62 0.71 -1.37 -23.07
CA ILE B 62 1.45 -2.56 -23.47
C ILE B 62 0.45 -3.67 -23.80
N MET B 63 0.67 -4.36 -24.91
CA MET B 63 -0.20 -5.44 -25.36
C MET B 63 0.58 -6.76 -25.43
N LYS B 64 0.24 -7.77 -24.61
CA LYS B 64 0.88 -9.08 -24.69
C LYS B 64 -0.09 -9.93 -25.50
N THR B 65 0.20 -10.10 -26.80
CA THR B 65 -0.68 -10.82 -27.71
C THR B 65 -0.12 -12.20 -28.07
N HIS B 75 -12.28 -22.61 -24.61
CA HIS B 75 -11.78 -21.84 -23.46
C HIS B 75 -12.02 -20.32 -23.57
N ASN B 76 -12.76 -19.90 -24.60
CA ASN B 76 -13.12 -18.52 -24.90
C ASN B 76 -13.89 -17.79 -23.77
N GLU B 77 -14.55 -18.53 -22.85
CA GLU B 77 -15.33 -17.91 -21.79
C GLU B 77 -14.56 -17.75 -20.49
N ALA B 78 -13.93 -18.84 -20.02
CA ALA B 78 -13.17 -18.82 -18.78
C ALA B 78 -11.90 -17.92 -18.81
N LEU B 79 -11.50 -17.54 -20.01
CA LEU B 79 -10.40 -16.64 -20.28
C LEU B 79 -10.81 -15.21 -19.84
N LEU B 80 -12.06 -14.83 -20.10
CA LEU B 80 -12.58 -13.53 -19.70
C LEU B 80 -12.86 -13.49 -18.18
N GLU B 81 -13.28 -14.63 -17.60
CA GLU B 81 -13.55 -14.74 -16.16
C GLU B 81 -12.27 -14.50 -15.35
N GLU B 82 -11.14 -15.02 -15.85
CA GLU B 82 -9.85 -14.86 -15.20
C GLU B 82 -9.35 -13.42 -15.33
N ALA B 83 -9.61 -12.80 -16.48
CA ALA B 83 -9.22 -11.42 -16.72
C ALA B 83 -9.92 -10.47 -15.72
N LYS B 84 -11.13 -10.82 -15.28
CA LYS B 84 -11.87 -10.00 -14.31
C LYS B 84 -11.26 -10.08 -12.93
N MET B 85 -10.77 -11.27 -12.55
CA MET B 85 -10.11 -11.50 -11.26
C MET B 85 -8.78 -10.73 -11.19
N MET B 86 -8.03 -10.72 -12.29
CA MET B 86 -6.76 -10.02 -12.38
C MET B 86 -6.93 -8.51 -12.52
N ASN B 87 -8.05 -8.06 -13.09
CA ASN B 87 -8.34 -6.64 -13.20
C ASN B 87 -8.60 -5.99 -11.81
N ARG B 88 -8.93 -6.81 -10.79
CA ARG B 88 -9.13 -6.34 -9.43
C ARG B 88 -7.79 -5.97 -8.75
N LEU B 89 -6.62 -6.40 -9.30
CA LEU B 89 -5.33 -6.05 -8.74
C LEU B 89 -5.05 -4.60 -9.07
N ARG B 90 -5.40 -3.70 -8.15
CA ARG B 90 -5.32 -2.27 -8.31
C ARG B 90 -4.53 -1.64 -7.17
N HIS B 91 -3.24 -1.36 -7.40
CA HIS B 91 -2.36 -0.77 -6.41
C HIS B 91 -1.29 0.06 -7.13
N SER B 92 -0.68 1.04 -6.43
CA SER B 92 0.33 1.90 -7.04
C SER B 92 1.63 1.19 -7.44
N ARG B 93 1.93 0.04 -6.85
CA ARG B 93 3.16 -0.70 -7.15
C ARG B 93 2.88 -1.97 -7.97
N VAL B 94 1.75 -2.03 -8.68
CA VAL B 94 1.37 -3.22 -9.43
C VAL B 94 0.96 -2.79 -10.84
N VAL B 95 1.50 -3.42 -11.90
CA VAL B 95 1.10 -3.09 -13.27
C VAL B 95 -0.35 -3.55 -13.48
N LYS B 96 -1.25 -2.62 -13.74
CA LYS B 96 -2.67 -2.90 -13.89
C LYS B 96 -3.03 -3.53 -15.23
N LEU B 97 -3.99 -4.48 -15.23
CA LEU B 97 -4.52 -5.04 -16.46
C LEU B 97 -5.69 -4.15 -16.82
N LEU B 98 -5.52 -3.28 -17.81
CA LEU B 98 -6.55 -2.33 -18.21
C LEU B 98 -7.67 -2.98 -19.05
N GLY B 99 -7.33 -3.98 -19.85
CA GLY B 99 -8.32 -4.63 -20.70
C GLY B 99 -7.87 -5.87 -21.43
N VAL B 100 -8.79 -6.52 -22.16
CA VAL B 100 -8.47 -7.72 -22.91
C VAL B 100 -9.01 -7.63 -24.34
N ILE B 101 -8.32 -8.26 -25.28
CA ILE B 101 -8.78 -8.32 -26.66
C ILE B 101 -9.14 -9.78 -26.90
N ILE B 102 -10.43 -10.07 -27.11
CA ILE B 102 -10.86 -11.44 -27.36
C ILE B 102 -11.61 -11.48 -28.70
N GLU B 103 -10.83 -11.56 -29.77
CA GLU B 103 -11.37 -11.56 -31.13
C GLU B 103 -11.02 -12.85 -31.89
N GLU B 104 -11.63 -13.06 -33.06
CA GLU B 104 -11.40 -14.24 -33.88
C GLU B 104 -9.96 -14.30 -34.40
N GLY B 105 -9.09 -14.95 -33.62
CA GLY B 105 -7.69 -15.11 -33.99
C GLY B 105 -6.73 -14.37 -33.08
N LYS B 106 -7.21 -13.30 -32.43
CA LYS B 106 -6.38 -12.50 -31.56
C LYS B 106 -6.85 -12.53 -30.10
N TYR B 107 -5.95 -12.88 -29.18
CA TYR B 107 -6.21 -12.92 -27.74
C TYR B 107 -5.08 -12.16 -27.03
N SER B 108 -5.37 -10.94 -26.52
CA SER B 108 -4.32 -10.12 -25.92
C SER B 108 -4.68 -9.57 -24.55
N LEU B 109 -3.65 -9.36 -23.72
CA LEU B 109 -3.79 -8.73 -22.42
C LEU B 109 -3.25 -7.31 -22.59
N VAL B 110 -4.03 -6.31 -22.20
CA VAL B 110 -3.62 -4.91 -22.33
C VAL B 110 -3.30 -4.33 -20.95
N MET B 111 -2.06 -3.87 -20.73
CA MET B 111 -1.61 -3.34 -19.45
C MET B 111 -1.14 -1.88 -19.50
N GLU B 112 -0.87 -1.29 -18.33
CA GLU B 112 -0.33 0.06 -18.28
C GLU B 112 1.17 0.01 -18.62
N TYR B 113 1.65 1.02 -19.32
CA TYR B 113 3.02 1.10 -19.81
C TYR B 113 3.99 1.77 -18.81
N MET B 114 5.17 1.13 -18.60
CA MET B 114 6.25 1.64 -17.75
C MET B 114 7.41 2.02 -18.68
N GLU B 115 7.65 3.31 -18.85
CA GLU B 115 8.60 3.88 -19.82
C GLU B 115 10.10 3.54 -19.71
N LYS B 116 10.63 3.27 -18.50
CA LYS B 116 12.07 3.04 -18.35
C LYS B 116 12.51 1.58 -18.45
N GLY B 117 11.56 0.66 -18.62
CA GLY B 117 11.87 -0.76 -18.77
C GLY B 117 11.96 -1.49 -17.45
N ASN B 118 12.70 -2.60 -17.41
CA ASN B 118 12.83 -3.38 -16.18
C ASN B 118 13.99 -2.86 -15.27
N LEU B 119 13.98 -3.31 -14.01
CA LEU B 119 14.95 -2.96 -12.98
C LEU B 119 16.42 -3.22 -13.35
N MET B 120 16.73 -4.41 -13.92
CA MET B 120 18.10 -4.75 -14.31
C MET B 120 18.64 -3.82 -15.40
N HIS B 121 17.78 -3.48 -16.37
CA HIS B 121 18.18 -2.58 -17.45
C HIS B 121 18.47 -1.18 -16.90
N VAL B 122 17.71 -0.74 -15.88
CA VAL B 122 17.91 0.55 -15.26
C VAL B 122 19.20 0.55 -14.43
N LEU B 123 19.43 -0.50 -13.62
CA LEU B 123 20.61 -0.68 -12.79
C LEU B 123 21.90 -0.71 -13.60
N LYS B 124 21.88 -1.36 -14.77
CA LYS B 124 23.06 -1.43 -15.64
C LYS B 124 23.28 -0.15 -16.46
N ALA B 125 22.21 0.62 -16.73
CA ALA B 125 22.32 1.85 -17.50
C ALA B 125 23.05 2.93 -16.75
N GLU B 126 24.20 3.30 -17.37
CA GLU B 126 25.31 4.24 -17.16
C GLU B 126 25.23 5.29 -16.01
N MET B 127 24.05 5.87 -15.75
CA MET B 127 23.92 6.83 -14.65
C MET B 127 23.64 5.98 -13.39
N SER B 128 24.61 5.95 -12.45
CA SER B 128 24.51 5.12 -11.23
C SER B 128 23.51 5.69 -10.22
N THR B 129 22.63 4.82 -9.72
CA THR B 129 21.56 5.21 -8.80
C THR B 129 22.04 5.31 -7.35
N PRO B 130 21.65 6.38 -6.64
CA PRO B 130 22.05 6.50 -5.24
C PRO B 130 21.31 5.55 -4.30
N LEU B 131 21.95 5.29 -3.15
CA LEU B 131 21.49 4.43 -2.08
C LEU B 131 20.05 4.76 -1.65
N SER B 132 19.68 6.05 -1.53
CA SER B 132 18.32 6.44 -1.14
C SER B 132 17.28 6.04 -2.17
N VAL B 133 17.64 6.07 -3.45
CA VAL B 133 16.75 5.64 -4.52
C VAL B 133 16.62 4.11 -4.50
N LYS B 134 17.72 3.39 -4.24
CA LYS B 134 17.68 1.94 -4.12
C LYS B 134 16.79 1.51 -2.96
N GLY B 135 16.94 2.16 -1.82
CA GLY B 135 16.12 1.88 -0.65
C GLY B 135 14.64 2.13 -0.90
N ARG B 136 14.32 3.16 -1.68
CA ARG B 136 12.95 3.48 -2.02
C ARG B 136 12.37 2.40 -2.92
N ILE B 137 13.16 1.91 -3.89
CA ILE B 137 12.74 0.82 -4.79
C ILE B 137 12.48 -0.47 -3.97
N ILE B 138 13.35 -0.77 -2.99
CA ILE B 138 13.14 -1.94 -2.12
C ILE B 138 11.80 -1.83 -1.35
N LEU B 139 11.53 -0.65 -0.79
CA LEU B 139 10.30 -0.41 -0.07
C LEU B 139 9.06 -0.53 -0.99
N GLU B 140 9.14 -0.02 -2.23
CA GLU B 140 8.03 -0.12 -3.16
C GLU B 140 7.78 -1.60 -3.57
N ILE B 141 8.83 -2.42 -3.69
CA ILE B 141 8.67 -3.82 -4.03
C ILE B 141 7.97 -4.55 -2.88
N ILE B 142 8.38 -4.28 -1.64
CA ILE B 142 7.76 -4.87 -0.45
C ILE B 142 6.27 -4.53 -0.40
N GLU B 143 5.92 -3.25 -0.64
CA GLU B 143 4.52 -2.81 -0.65
C GLU B 143 3.69 -3.51 -1.74
N GLY B 144 4.24 -3.64 -2.94
CA GLY B 144 3.52 -4.32 -4.02
C GLY B 144 3.33 -5.79 -3.71
N MET B 145 4.37 -6.46 -3.19
CA MET B 145 4.27 -7.88 -2.84
C MET B 145 3.31 -8.13 -1.70
N ALA B 146 3.25 -7.23 -0.67
CA ALA B 146 2.31 -7.37 0.43
C ALA B 146 0.89 -7.20 -0.07
N TYR B 147 0.67 -6.25 -1.00
CA TYR B 147 -0.66 -6.05 -1.59
C TYR B 147 -1.11 -7.32 -2.32
N LEU B 148 -0.24 -7.89 -3.17
CA LEU B 148 -0.56 -9.05 -3.97
C LEU B 148 -0.93 -10.25 -3.11
N HIS B 149 -0.14 -10.51 -2.07
CA HIS B 149 -0.42 -11.61 -1.15
C HIS B 149 -1.72 -11.40 -0.39
N GLY B 150 -2.04 -10.16 -0.06
CA GLY B 150 -3.31 -9.80 0.58
C GLY B 150 -4.50 -10.10 -0.32
N LYS B 151 -4.31 -10.06 -1.62
CA LYS B 151 -5.34 -10.40 -2.59
C LYS B 151 -5.34 -11.91 -2.93
N GLY B 152 -4.57 -12.71 -2.21
CA GLY B 152 -4.49 -14.15 -2.45
C GLY B 152 -3.65 -14.53 -3.66
N VAL B 153 -2.77 -13.65 -4.12
CA VAL B 153 -1.94 -13.91 -5.28
C VAL B 153 -0.47 -14.17 -4.94
N ILE B 154 0.01 -15.38 -5.19
CA ILE B 154 1.42 -15.75 -5.07
C ILE B 154 1.98 -15.44 -6.45
N HIS B 155 3.03 -14.61 -6.55
CA HIS B 155 3.63 -14.28 -7.84
C HIS B 155 4.25 -15.52 -8.52
N LYS B 156 5.22 -16.17 -7.84
CA LYS B 156 5.94 -17.37 -8.31
C LYS B 156 7.11 -17.02 -9.24
N ASP B 157 7.09 -15.86 -9.90
CA ASP B 157 8.15 -15.51 -10.83
C ASP B 157 8.71 -14.10 -10.58
N LEU B 158 8.90 -13.71 -9.30
CA LEU B 158 9.44 -12.39 -8.99
C LEU B 158 10.94 -12.32 -9.33
N LYS B 159 11.32 -11.33 -10.14
CA LYS B 159 12.70 -11.15 -10.58
C LYS B 159 12.85 -9.73 -11.15
N PRO B 160 14.07 -9.18 -11.37
CA PRO B 160 14.19 -7.81 -11.89
C PRO B 160 13.50 -7.56 -13.22
N GLU B 161 13.38 -8.60 -14.05
CA GLU B 161 12.67 -8.54 -15.33
C GLU B 161 11.16 -8.23 -15.14
N ASN B 162 10.59 -8.62 -14.00
CA ASN B 162 9.20 -8.36 -13.66
C ASN B 162 9.03 -7.13 -12.73
N ILE B 163 10.07 -6.29 -12.59
CA ILE B 163 9.99 -5.07 -11.79
C ILE B 163 10.20 -3.95 -12.76
N LEU B 164 9.12 -3.27 -13.15
CA LEU B 164 9.19 -2.24 -14.18
C LEU B 164 9.33 -0.86 -13.59
N VAL B 165 10.01 0.06 -14.32
CA VAL B 165 10.39 1.37 -13.80
C VAL B 165 9.84 2.53 -14.64
N ASP B 166 9.36 3.60 -13.99
CA ASP B 166 8.90 4.79 -14.72
C ASP B 166 10.02 5.89 -14.79
N ASN B 167 9.70 7.07 -15.33
CA ASN B 167 10.66 8.14 -15.49
C ASN B 167 11.19 8.73 -14.18
N ASP B 168 10.40 8.64 -13.10
CA ASP B 168 10.82 9.14 -11.78
C ASP B 168 11.48 8.05 -10.91
N PHE B 169 11.78 6.87 -11.50
CA PHE B 169 12.40 5.72 -10.83
C PHE B 169 11.46 5.05 -9.81
N HIS B 170 10.15 5.18 -10.02
CA HIS B 170 9.15 4.45 -9.22
C HIS B 170 8.89 3.15 -9.90
N ILE B 171 8.63 2.08 -9.13
CA ILE B 171 8.45 0.77 -9.72
C ILE B 171 7.05 0.19 -9.59
N LYS B 172 6.73 -0.77 -10.44
CA LYS B 172 5.50 -1.54 -10.40
C LYS B 172 5.89 -2.99 -10.71
N ILE B 173 5.31 -3.92 -9.98
CA ILE B 173 5.51 -5.33 -10.18
C ILE B 173 4.60 -5.78 -11.30
N ALA B 174 5.14 -6.56 -12.22
CA ALA B 174 4.40 -7.11 -13.37
C ALA B 174 4.52 -8.67 -13.35
N ASP B 175 3.76 -9.38 -14.20
CA ASP B 175 3.86 -10.82 -14.32
C ASP B 175 3.82 -11.12 -15.83
N LEU B 176 4.85 -10.65 -16.54
CA LEU B 176 4.95 -10.76 -18.00
C LEU B 176 4.97 -12.18 -18.55
N GLY B 177 5.41 -13.16 -17.77
CA GLY B 177 5.37 -14.56 -18.18
C GLY B 177 4.09 -15.29 -17.80
N LEU B 178 3.14 -14.58 -17.16
CA LEU B 178 1.83 -15.11 -16.76
C LEU B 178 1.90 -16.29 -15.76
N ALA B 179 2.93 -16.27 -14.86
CA ALA B 179 3.13 -17.26 -13.81
C ALA B 179 1.93 -17.38 -12.87
N SER B 180 1.22 -16.27 -12.62
CA SER B 180 0.05 -16.27 -11.74
C SER B 180 -1.26 -16.61 -12.46
N PHE B 181 -1.24 -16.81 -13.78
CA PHE B 181 -2.43 -17.16 -14.59
C PHE B 181 -2.53 -18.67 -14.79
N LYS B 182 -3.73 -19.17 -15.11
CA LYS B 182 -3.99 -20.59 -15.34
C LYS B 182 -4.55 -20.87 -16.73
N MET B 183 -5.49 -20.07 -17.19
CA MET B 183 -6.10 -20.25 -18.49
C MET B 183 -5.31 -19.49 -19.58
N TRP B 184 -4.94 -18.24 -19.30
CA TRP B 184 -4.19 -17.39 -20.23
C TRP B 184 -2.77 -17.88 -20.44
N SER B 185 -2.15 -18.47 -19.41
CA SER B 185 -0.81 -19.02 -19.53
C SER B 185 -0.77 -20.33 -20.35
N LYS B 186 -1.90 -21.03 -20.47
CA LYS B 186 -1.99 -22.25 -21.24
C LYS B 186 -1.94 -21.97 -22.76
N LEU B 187 -2.40 -20.78 -23.20
CA LEU B 187 -2.37 -20.41 -24.61
C LEU B 187 -1.01 -19.79 -25.00
N GLY B 207 19.17 -18.50 -16.75
CA GLY B 207 19.07 -17.24 -16.00
C GLY B 207 17.71 -16.98 -15.32
N THR B 208 16.69 -17.77 -15.69
CA THR B 208 15.37 -17.62 -15.10
C THR B 208 15.26 -18.26 -13.69
N LEU B 209 16.14 -19.23 -13.38
CA LEU B 209 16.10 -19.93 -12.10
C LEU B 209 16.94 -19.31 -11.00
N TYR B 210 17.61 -18.18 -11.25
CA TYR B 210 18.44 -17.51 -10.23
C TYR B 210 17.62 -17.05 -9.01
N TYR B 211 16.35 -16.71 -9.25
CA TYR B 211 15.41 -16.17 -8.25
C TYR B 211 14.42 -17.18 -7.70
N MET B 212 14.58 -18.45 -8.03
CA MET B 212 13.67 -19.48 -7.62
C MET B 212 14.08 -20.12 -6.30
N ALA B 213 13.12 -20.22 -5.37
CA ALA B 213 13.30 -20.86 -4.08
C ALA B 213 13.76 -22.31 -4.26
N PRO B 214 14.74 -22.76 -3.45
CA PRO B 214 15.28 -24.11 -3.64
C PRO B 214 14.25 -25.23 -3.58
N GLU B 215 13.16 -25.03 -2.82
CA GLU B 215 12.09 -26.03 -2.75
C GLU B 215 11.46 -26.28 -4.12
N HIS B 216 11.47 -25.28 -5.03
CA HIS B 216 10.90 -25.47 -6.38
C HIS B 216 11.92 -25.93 -7.43
N LEU B 217 13.22 -25.84 -7.15
CA LEU B 217 14.24 -26.29 -8.09
C LEU B 217 14.24 -27.81 -8.16
N ASN B 218 14.16 -28.37 -9.38
CA ASN B 218 14.09 -29.80 -9.58
C ASN B 218 12.87 -30.47 -8.89
N ASP B 219 11.89 -29.69 -8.45
CA ASP B 219 10.69 -30.19 -7.79
C ASP B 219 9.46 -29.36 -8.22
N VAL B 220 8.78 -29.77 -9.29
CA VAL B 220 7.55 -29.09 -9.72
C VAL B 220 6.30 -29.55 -8.93
N ASN B 221 6.43 -30.58 -8.11
CA ASN B 221 5.35 -31.11 -7.27
C ASN B 221 5.06 -30.18 -6.07
N ALA B 222 6.13 -29.66 -5.45
CA ALA B 222 6.03 -28.82 -4.27
C ALA B 222 5.23 -27.55 -4.56
N LYS B 223 4.21 -27.31 -3.73
CA LYS B 223 3.26 -26.21 -3.81
C LYS B 223 3.93 -24.89 -3.55
N PRO B 224 3.72 -23.90 -4.43
CA PRO B 224 4.31 -22.58 -4.18
C PRO B 224 3.60 -21.91 -3.01
N THR B 225 4.35 -21.20 -2.17
CA THR B 225 3.79 -20.53 -1.01
C THR B 225 4.15 -19.01 -1.04
N GLU B 226 3.61 -18.22 -0.09
CA GLU B 226 3.97 -16.81 0.06
C GLU B 226 5.49 -16.66 0.33
N LYS B 227 6.11 -17.67 0.98
CA LYS B 227 7.54 -17.70 1.27
C LYS B 227 8.42 -17.91 0.04
N SER B 228 7.85 -18.46 -1.06
CA SER B 228 8.56 -18.60 -2.34
C SER B 228 8.90 -17.20 -2.90
N ASP B 229 7.98 -16.23 -2.71
CA ASP B 229 8.19 -14.86 -3.17
C ASP B 229 9.22 -14.14 -2.32
N VAL B 230 9.32 -14.50 -1.03
CA VAL B 230 10.27 -13.89 -0.11
C VAL B 230 11.71 -14.24 -0.51
N TYR B 231 11.92 -15.49 -0.95
CA TYR B 231 13.21 -15.96 -1.42
C TYR B 231 13.58 -15.19 -2.69
N SER B 232 12.64 -15.05 -3.65
CA SER B 232 12.91 -14.31 -4.88
C SER B 232 13.30 -12.87 -4.58
N PHE B 233 12.61 -12.24 -3.61
CA PHE B 233 12.89 -10.89 -3.17
C PHE B 233 14.32 -10.78 -2.62
N ALA B 234 14.78 -11.79 -1.85
CA ALA B 234 16.13 -11.82 -1.28
C ALA B 234 17.17 -11.75 -2.37
N VAL B 235 16.97 -12.50 -3.48
CA VAL B 235 17.94 -12.48 -4.59
C VAL B 235 17.84 -11.16 -5.37
N VAL B 236 16.64 -10.55 -5.44
CA VAL B 236 16.41 -9.25 -6.07
C VAL B 236 17.19 -8.18 -5.27
N LEU B 237 17.14 -8.24 -3.93
CA LEU B 237 17.87 -7.37 -3.00
C LEU B 237 19.36 -7.41 -3.33
N TRP B 238 19.92 -8.63 -3.54
CA TRP B 238 21.33 -8.79 -3.85
C TRP B 238 21.63 -8.13 -5.21
N ALA B 239 20.78 -8.38 -6.21
CA ALA B 239 20.97 -7.83 -7.57
C ALA B 239 20.91 -6.30 -7.59
N ILE B 240 20.04 -5.70 -6.77
CA ILE B 240 19.91 -4.25 -6.72
C ILE B 240 21.21 -3.61 -6.26
N PHE B 241 21.94 -4.27 -5.33
CA PHE B 241 23.20 -3.71 -4.84
C PHE B 241 24.40 -4.11 -5.67
N ALA B 242 24.36 -5.28 -6.31
CA ALA B 242 25.46 -5.72 -7.15
C ALA B 242 25.39 -5.14 -8.57
N ASN B 243 24.23 -4.58 -8.98
CA ASN B 243 24.01 -4.02 -10.32
C ASN B 243 24.23 -5.06 -11.41
N LYS B 244 23.88 -6.32 -11.13
CA LYS B 244 24.02 -7.45 -12.05
C LYS B 244 23.33 -8.71 -11.53
N GLU B 245 23.10 -9.68 -12.43
CA GLU B 245 22.50 -10.97 -12.14
C GLU B 245 23.46 -11.80 -11.28
N PRO B 246 22.95 -12.65 -10.37
CA PRO B 246 23.86 -13.50 -9.58
C PRO B 246 24.40 -14.70 -10.36
N TYR B 247 25.43 -15.36 -9.79
CA TYR B 247 26.06 -16.57 -10.31
C TYR B 247 26.71 -16.37 -11.71
N GLU B 248 27.47 -15.27 -11.92
CA GLU B 248 28.07 -14.97 -13.23
C GLU B 248 28.98 -16.03 -13.78
N ASN B 249 29.60 -16.85 -12.92
CA ASN B 249 30.50 -17.92 -13.40
C ASN B 249 29.73 -19.15 -13.88
N ALA B 250 28.47 -19.34 -13.40
CA ALA B 250 27.61 -20.47 -13.69
C ALA B 250 27.27 -20.67 -15.16
N ILE B 251 28.09 -21.48 -15.86
CA ILE B 251 27.85 -21.80 -17.26
C ILE B 251 26.70 -22.82 -17.34
N ALA B 252 26.91 -24.06 -16.82
CA ALA B 252 25.91 -25.13 -16.81
C ALA B 252 24.73 -24.86 -15.82
N GLU B 253 23.67 -25.70 -15.89
CA GLU B 253 22.41 -25.56 -15.18
C GLU B 253 22.24 -26.60 -14.07
N GLN B 254 22.54 -27.88 -14.37
CA GLN B 254 22.41 -28.95 -13.38
C GLN B 254 23.29 -28.70 -12.15
N GLN B 255 24.56 -28.32 -12.40
CA GLN B 255 25.57 -27.95 -11.41
C GLN B 255 25.07 -26.83 -10.47
N LEU B 256 24.43 -25.78 -11.03
CA LEU B 256 23.94 -24.62 -10.29
C LEU B 256 22.74 -24.98 -9.45
N ILE B 257 21.78 -25.74 -10.02
CA ILE B 257 20.59 -26.20 -9.30
C ILE B 257 20.98 -26.99 -8.03
N MET B 258 21.86 -27.98 -8.18
CA MET B 258 22.28 -28.80 -7.06
C MET B 258 23.04 -28.01 -6.01
N ALA B 259 23.85 -27.02 -6.44
CA ALA B 259 24.58 -26.20 -5.49
C ALA B 259 23.62 -25.35 -4.67
N ILE B 260 22.60 -24.71 -5.33
CA ILE B 260 21.59 -23.88 -4.66
C ILE B 260 20.75 -24.69 -3.70
N LYS B 261 20.27 -25.87 -4.14
CA LYS B 261 19.51 -26.78 -3.27
C LYS B 261 20.33 -27.24 -2.06
N SER B 262 21.67 -27.30 -2.17
CA SER B 262 22.53 -27.69 -1.05
C SER B 262 22.96 -26.52 -0.15
N GLY B 263 22.47 -25.32 -0.39
CA GLY B 263 22.83 -24.17 0.44
C GLY B 263 23.54 -23.01 -0.22
N ASN B 264 24.05 -23.17 -1.46
CA ASN B 264 24.75 -22.07 -2.14
C ASN B 264 23.84 -20.88 -2.42
N ARG B 265 24.37 -19.68 -2.21
CA ARG B 265 23.63 -18.43 -2.41
C ARG B 265 24.51 -17.41 -3.16
N PRO B 266 23.94 -16.31 -3.71
CA PRO B 266 24.79 -15.28 -4.31
C PRO B 266 25.88 -14.77 -3.32
N ASP B 267 27.11 -14.50 -3.79
CA ASP B 267 28.18 -14.07 -2.86
C ASP B 267 27.96 -12.66 -2.35
N VAL B 268 27.80 -12.57 -1.05
CA VAL B 268 27.58 -11.33 -0.33
C VAL B 268 28.83 -10.44 -0.33
N ASP B 269 30.03 -11.05 -0.26
CA ASP B 269 31.30 -10.33 -0.31
C ASP B 269 31.57 -9.70 -1.70
N ASP B 270 30.83 -10.14 -2.74
CA ASP B 270 30.91 -9.75 -4.15
C ASP B 270 30.30 -8.36 -4.47
N ILE B 271 29.72 -7.69 -3.47
CA ILE B 271 29.07 -6.40 -3.68
C ILE B 271 30.10 -5.27 -3.47
N THR B 272 30.73 -4.80 -4.57
CA THR B 272 31.77 -3.74 -4.52
C THR B 272 31.17 -2.40 -4.06
N GLU B 273 29.97 -2.09 -4.54
CA GLU B 273 29.26 -0.88 -4.13
C GLU B 273 28.79 -1.11 -2.69
N TYR B 274 28.92 -0.10 -1.82
CA TYR B 274 28.50 -0.21 -0.44
C TYR B 274 27.04 -0.72 -0.26
N CYS B 275 26.84 -1.66 0.66
CA CYS B 275 25.52 -2.13 1.02
C CYS B 275 25.46 -2.20 2.53
N PRO B 276 24.53 -1.46 3.17
CA PRO B 276 24.44 -1.47 4.63
C PRO B 276 24.38 -2.86 5.26
N ARG B 277 25.01 -3.04 6.44
CA ARG B 277 25.02 -4.33 7.13
C ARG B 277 23.61 -4.85 7.40
N GLU B 278 22.64 -3.94 7.61
CA GLU B 278 21.26 -4.32 7.89
C GLU B 278 20.55 -4.95 6.71
N ILE B 279 20.87 -4.49 5.49
CA ILE B 279 20.28 -5.02 4.26
C ILE B 279 20.88 -6.39 3.91
N ILE B 280 22.17 -6.61 4.23
CA ILE B 280 22.82 -7.90 4.01
C ILE B 280 22.22 -8.93 4.96
N SER B 281 21.98 -8.55 6.22
CA SER B 281 21.35 -9.45 7.19
C SER B 281 19.92 -9.83 6.78
N LEU B 282 19.22 -8.88 6.15
CA LEU B 282 17.86 -9.06 5.68
C LEU B 282 17.83 -10.06 4.54
N MET B 283 18.73 -9.91 3.53
CA MET B 283 18.72 -10.83 2.42
C MET B 283 19.12 -12.24 2.87
N LYS B 284 20.07 -12.35 3.80
CA LYS B 284 20.46 -13.66 4.33
C LYS B 284 19.31 -14.34 5.06
N LEU B 285 18.44 -13.57 5.72
CA LEU B 285 17.30 -14.13 6.42
C LEU B 285 16.20 -14.55 5.43
N CYS B 286 16.01 -13.76 4.37
CA CYS B 286 14.98 -14.05 3.38
C CYS B 286 15.34 -15.19 2.46
N TRP B 287 16.64 -15.47 2.25
CA TRP B 287 17.00 -16.60 1.39
C TRP B 287 17.36 -17.86 2.20
N GLU B 288 16.80 -17.99 3.40
CA GLU B 288 16.99 -19.17 4.22
C GLU B 288 16.38 -20.40 3.52
N ALA B 289 17.04 -21.55 3.61
CA ALA B 289 16.55 -22.76 2.94
C ALA B 289 15.17 -23.20 3.45
N ASN B 290 14.90 -23.02 4.76
CA ASN B 290 13.62 -23.38 5.37
C ASN B 290 12.65 -22.25 5.09
N PRO B 291 11.56 -22.49 4.34
CA PRO B 291 10.60 -21.40 4.08
C PRO B 291 10.03 -20.79 5.36
N GLU B 292 9.86 -21.62 6.39
CA GLU B 292 9.36 -21.21 7.69
C GLU B 292 10.30 -20.27 8.44
N ALA B 293 11.61 -20.32 8.15
CA ALA B 293 12.57 -19.38 8.74
C ALA B 293 12.57 -18.01 8.06
N ARG B 294 11.98 -17.89 6.86
CA ARG B 294 11.92 -16.62 6.16
C ARG B 294 10.83 -15.75 6.79
N PRO B 295 11.02 -14.42 6.86
CA PRO B 295 9.95 -13.57 7.38
C PRO B 295 8.89 -13.30 6.29
N THR B 296 7.75 -12.71 6.69
CA THR B 296 6.72 -12.33 5.75
C THR B 296 7.03 -10.92 5.23
N PHE B 297 6.36 -10.44 4.16
CA PHE B 297 6.57 -9.08 3.63
C PHE B 297 6.19 -8.00 4.66
N PRO B 298 5.09 -8.09 5.45
CA PRO B 298 4.86 -7.07 6.50
C PRO B 298 5.91 -7.12 7.63
N GLY B 299 6.50 -8.28 7.86
CA GLY B 299 7.60 -8.43 8.82
C GLY B 299 8.87 -7.79 8.31
N ILE B 300 9.11 -7.87 6.99
CA ILE B 300 10.24 -7.25 6.33
C ILE B 300 10.05 -5.74 6.37
N GLU B 301 8.84 -5.26 6.03
CA GLU B 301 8.50 -3.85 6.02
C GLU B 301 8.61 -3.24 7.42
N GLU B 302 8.24 -4.00 8.47
CA GLU B 302 8.33 -3.47 9.83
C GLU B 302 9.77 -3.23 10.29
N LYS B 303 10.76 -3.88 9.64
CA LYS B 303 12.16 -3.63 10.01
C LYS B 303 12.84 -2.69 8.98
N PHE B 304 12.50 -2.83 7.69
CA PHE B 304 13.06 -2.02 6.63
C PHE B 304 12.55 -0.60 6.61
N ARG B 305 11.23 -0.38 6.75
CA ARG B 305 10.68 0.98 6.72
C ARG B 305 11.32 1.92 7.74
N PRO B 306 11.48 1.56 9.04
CA PRO B 306 12.15 2.49 9.97
C PRO B 306 13.63 2.73 9.66
N PHE B 307 14.29 1.75 9.05
CA PHE B 307 15.69 1.88 8.64
C PHE B 307 15.75 2.91 7.50
N TYR B 308 14.87 2.77 6.51
CA TYR B 308 14.80 3.67 5.37
C TYR B 308 14.51 5.13 5.78
N LEU B 309 13.43 5.41 6.53
CA LEU B 309 13.08 6.79 6.81
C LEU B 309 14.12 7.50 7.69
N SER B 310 14.88 6.76 8.50
CA SER B 310 15.91 7.38 9.34
C SER B 310 17.31 7.46 8.73
N GLN B 311 17.75 6.43 7.98
CA GLN B 311 19.10 6.37 7.41
C GLN B 311 19.17 6.75 5.93
N LEU B 312 18.04 6.65 5.20
CA LEU B 312 18.04 6.89 3.75
C LEU B 312 17.02 7.95 3.28
N GLU B 313 16.16 8.45 4.19
CA GLU B 313 15.09 9.44 3.95
C GLU B 313 13.91 8.90 3.16
#